data_1FI0
#
_entry.id   1FI0
#
_cell.length_a   1.000
_cell.length_b   1.000
_cell.length_c   1.000
_cell.angle_alpha   90.00
_cell.angle_beta   90.00
_cell.angle_gamma   90.00
#
_symmetry.space_group_name_H-M   'P 1'
#
_entity_poly.entity_id   1
_entity_poly.type   'polypeptide(L)'
_entity_poly.pdbx_seq_one_letter_code
;(ACE)EPYNEWTLELLEELKSEAVRH
;
_entity_poly.pdbx_strand_id   A
#
loop_
_chem_comp.id
_chem_comp.type
_chem_comp.name
_chem_comp.formula
ACE non-polymer 'ACETYL GROUP' 'C2 H4 O'
#
# COMPACT_ATOMS: atom_id res chain seq x y z
C ACE A 1 -14.33 -10.57 -2.23
O ACE A 1 -14.01 -10.62 -1.06
CH3 ACE A 1 -15.70 -11.04 -2.69
H1 ACE A 1 -16.21 -10.24 -3.22
H2 ACE A 1 -16.30 -11.33 -1.85
H3 ACE A 1 -15.59 -11.89 -3.37
N GLU A 2 -13.50 -10.09 -3.13
CA GLU A 2 -12.16 -9.61 -2.73
C GLU A 2 -11.97 -8.15 -3.13
N PRO A 3 -12.95 -7.35 -2.80
CA PRO A 3 -12.90 -5.90 -3.13
C PRO A 3 -11.88 -5.19 -2.24
N TYR A 4 -11.75 -5.62 -1.01
CA TYR A 4 -10.78 -4.98 -0.08
C TYR A 4 -9.35 -5.21 -0.58
N ASN A 5 -9.10 -6.33 -1.20
CA ASN A 5 -7.72 -6.61 -1.70
C ASN A 5 -7.17 -5.37 -2.42
N GLU A 6 -7.92 -4.81 -3.31
CA GLU A 6 -7.43 -3.61 -4.04
C GLU A 6 -7.37 -2.40 -3.09
N TRP A 7 -8.16 -2.40 -2.05
CA TRP A 7 -8.13 -1.27 -1.09
C TRP A 7 -6.90 -1.37 -0.19
N THR A 8 -6.61 -2.54 0.31
CA THR A 8 -5.42 -2.71 1.19
C THR A 8 -4.15 -2.64 0.35
N LEU A 9 -4.11 -3.36 -0.73
CA LEU A 9 -2.89 -3.33 -1.59
C LEU A 9 -2.52 -1.88 -1.89
N GLU A 10 -3.38 -1.16 -2.57
CA GLU A 10 -3.07 0.27 -2.86
C GLU A 10 -2.81 1.00 -1.53
N LEU A 11 -3.38 0.52 -0.47
CA LEU A 11 -3.16 1.18 0.86
C LEU A 11 -1.71 0.99 1.30
N LEU A 12 -1.20 -0.21 1.19
CA LEU A 12 0.21 -0.44 1.59
C LEU A 12 1.15 0.24 0.59
N GLU A 13 0.71 0.38 -0.63
CA GLU A 13 1.58 1.04 -1.64
C GLU A 13 2.09 2.35 -1.05
N GLU A 14 1.37 2.89 -0.10
CA GLU A 14 1.81 4.15 0.54
C GLU A 14 2.85 3.81 1.62
N LEU A 15 2.81 2.62 2.13
CA LEU A 15 3.80 2.22 3.17
C LEU A 15 5.11 1.88 2.47
N LYS A 16 5.03 1.23 1.34
CA LYS A 16 6.27 0.88 0.58
C LYS A 16 7.01 2.17 0.22
N SER A 17 6.30 3.15 -0.27
CA SER A 17 6.96 4.44 -0.62
C SER A 17 7.65 5.00 0.62
N GLU A 18 7.00 4.91 1.75
CA GLU A 18 7.64 5.40 3.00
C GLU A 18 8.89 4.56 3.25
N ALA A 19 8.74 3.27 3.26
CA ALA A 19 9.92 2.39 3.47
C ALA A 19 10.95 2.73 2.40
N VAL A 20 10.51 2.87 1.17
CA VAL A 20 11.45 3.24 0.09
C VAL A 20 11.97 4.64 0.38
N ARG A 21 11.17 5.44 1.03
CA ARG A 21 11.59 6.82 1.38
C ARG A 21 12.56 6.78 2.55
N HIS A 22 12.51 5.74 3.33
CA HIS A 22 13.43 5.63 4.51
C HIS A 22 13.95 4.20 4.64
C ACE A 1 -14.29 -10.68 -2.45
O ACE A 1 -14.11 -10.56 -1.26
CH3 ACE A 1 -15.63 -11.19 -3.01
H1 ACE A 1 -15.76 -12.23 -2.72
H2 ACE A 1 -15.63 -11.11 -4.08
H3 ACE A 1 -16.43 -10.59 -2.60
N GLU A 2 -13.35 -10.39 -3.32
CA GLU A 2 -12.03 -9.89 -2.84
C GLU A 2 -11.72 -8.53 -3.48
N PRO A 3 -12.69 -7.65 -3.42
CA PRO A 3 -12.51 -6.30 -3.98
C PRO A 3 -11.62 -5.45 -3.07
N TYR A 4 -11.68 -5.70 -1.79
CA TYR A 4 -10.85 -4.91 -0.84
C TYR A 4 -9.37 -5.22 -1.04
N ASN A 5 -9.05 -6.38 -1.55
CA ASN A 5 -7.61 -6.73 -1.77
C ASN A 5 -6.83 -5.53 -2.31
N GLU A 6 -7.34 -4.89 -3.32
CA GLU A 6 -6.62 -3.71 -3.89
C GLU A 6 -6.77 -2.49 -2.96
N TRP A 7 -7.86 -2.41 -2.24
CA TRP A 7 -8.05 -1.25 -1.33
C TRP A 7 -6.99 -1.29 -0.22
N THR A 8 -6.89 -2.39 0.48
CA THR A 8 -5.88 -2.48 1.57
C THR A 8 -4.47 -2.49 0.98
N LEU A 9 -4.26 -3.25 -0.07
CA LEU A 9 -2.91 -3.29 -0.69
C LEU A 9 -2.53 -1.90 -1.21
N GLU A 10 -3.45 -1.22 -1.83
CA GLU A 10 -3.15 0.15 -2.35
C GLU A 10 -2.88 1.10 -1.19
N LEU A 11 -3.59 0.94 -0.10
CA LEU A 11 -3.37 1.84 1.06
C LEU A 11 -1.95 1.65 1.60
N LEU A 12 -1.52 0.44 1.77
CA LEU A 12 -0.15 0.19 2.28
C LEU A 12 0.88 0.65 1.25
N GLU A 13 0.54 0.61 -0.01
CA GLU A 13 1.51 1.07 -1.04
C GLU A 13 2.01 2.45 -0.64
N GLU A 14 1.23 3.15 0.15
CA GLU A 14 1.66 4.50 0.61
C GLU A 14 2.70 4.31 1.72
N LEU A 15 2.63 3.21 2.41
CA LEU A 15 3.62 2.93 3.48
C LEU A 15 4.88 2.33 2.84
N LYS A 16 4.69 1.51 1.84
CA LYS A 16 5.86 0.90 1.15
C LYS A 16 6.74 1.99 0.54
N SER A 17 6.12 2.92 -0.14
CA SER A 17 6.90 4.03 -0.76
C SER A 17 7.70 4.73 0.33
N GLU A 18 7.13 4.88 1.49
CA GLU A 18 7.86 5.53 2.60
C GLU A 18 9.06 4.66 2.95
N ALA A 19 8.83 3.41 3.26
CA ALA A 19 9.95 2.51 3.57
C ALA A 19 10.93 2.51 2.39
N VAL A 20 10.40 2.39 1.20
CA VAL A 20 11.29 2.43 0.01
C VAL A 20 11.93 3.81 -0.07
N ARG A 21 11.24 4.80 0.43
CA ARG A 21 11.79 6.18 0.43
C ARG A 21 12.83 6.33 1.54
N HIS A 22 12.69 5.56 2.59
CA HIS A 22 13.64 5.65 3.72
C HIS A 22 14.07 4.25 4.16
C ACE A 1 -12.12 -11.63 0.22
O ACE A 1 -10.93 -11.41 0.33
CH3 ACE A 1 -12.82 -12.63 1.14
H1 ACE A 1 -13.47 -12.10 1.82
H2 ACE A 1 -12.08 -13.19 1.71
H3 ACE A 1 -13.41 -13.31 0.54
N GLU A 2 -12.84 -11.03 -0.68
CA GLU A 2 -12.21 -10.04 -1.60
C GLU A 2 -12.96 -8.71 -1.54
N PRO A 3 -13.12 -8.22 -0.34
CA PRO A 3 -13.83 -6.93 -0.12
C PRO A 3 -12.93 -5.76 -0.54
N TYR A 4 -11.65 -5.91 -0.38
CA TYR A 4 -10.70 -4.83 -0.75
C TYR A 4 -10.67 -4.64 -2.27
N ASN A 5 -10.64 -5.71 -3.02
CA ASN A 5 -10.61 -5.59 -4.51
C ASN A 5 -9.60 -4.52 -4.95
N GLU A 6 -8.35 -4.87 -5.02
CA GLU A 6 -7.30 -3.90 -5.44
C GLU A 6 -7.25 -2.72 -4.48
N TRP A 7 -7.93 -2.80 -3.37
CA TRP A 7 -7.89 -1.67 -2.39
C TRP A 7 -6.62 -1.79 -1.55
N THR A 8 -6.27 -2.98 -1.14
CA THR A 8 -5.04 -3.15 -0.31
C THR A 8 -3.84 -2.56 -1.05
N LEU A 9 -3.65 -2.91 -2.28
CA LEU A 9 -2.49 -2.35 -3.03
C LEU A 9 -2.42 -0.84 -2.81
N GLU A 10 -3.52 -0.16 -2.98
CA GLU A 10 -3.52 1.32 -2.74
C GLU A 10 -3.16 1.61 -1.29
N LEU A 11 -3.31 0.63 -0.43
CA LEU A 11 -2.96 0.85 1.00
C LEU A 11 -1.46 0.74 1.19
N LEU A 12 -0.83 -0.16 0.49
CA LEU A 12 0.64 -0.29 0.63
C LEU A 12 1.31 0.82 -0.17
N GLU A 13 0.63 1.33 -1.17
CA GLU A 13 1.23 2.42 -1.97
C GLU A 13 1.68 3.54 -1.02
N GLU A 14 1.04 3.64 0.12
CA GLU A 14 1.45 4.68 1.10
C GLU A 14 2.44 4.07 2.10
N LEU A 15 2.57 2.77 2.09
CA LEU A 15 3.53 2.12 3.02
C LEU A 15 4.87 1.95 2.31
N LYS A 16 4.85 1.84 1.01
CA LYS A 16 6.12 1.68 0.24
C LYS A 16 6.95 2.96 0.35
N SER A 17 6.31 4.09 0.41
CA SER A 17 7.07 5.36 0.53
C SER A 17 7.94 5.32 1.79
N GLU A 18 7.41 4.80 2.86
CA GLU A 18 8.21 4.70 4.10
C GLU A 18 9.39 3.77 3.84
N ALA A 19 9.12 2.58 3.39
CA ALA A 19 10.24 1.65 3.09
C ALA A 19 11.16 2.33 2.09
N VAL A 20 10.61 2.93 1.08
CA VAL A 20 11.46 3.66 0.09
C VAL A 20 12.13 4.82 0.80
N ARG A 21 11.49 5.34 1.82
CA ARG A 21 12.07 6.46 2.60
C ARG A 21 13.09 5.93 3.60
N HIS A 22 12.90 4.70 4.03
CA HIS A 22 13.83 4.11 5.02
C HIS A 22 14.19 2.68 4.63
C ACE A 1 -11.93 -11.89 -0.90
O ACE A 1 -11.18 -11.80 0.05
CH3 ACE A 1 -13.19 -12.76 -0.83
H1 ACE A 1 -13.92 -12.30 -0.20
H2 ACE A 1 -12.92 -13.73 -0.44
H3 ACE A 1 -13.60 -12.89 -1.83
N GLU A 2 -11.70 -11.25 -2.02
CA GLU A 2 -10.48 -10.39 -2.13
C GLU A 2 -10.88 -8.96 -2.53
N PRO A 3 -11.86 -8.43 -1.85
CA PRO A 3 -12.33 -7.05 -2.13
C PRO A 3 -11.33 -6.03 -1.58
N TYR A 4 -10.58 -6.41 -0.57
CA TYR A 4 -9.59 -5.45 0.01
C TYR A 4 -8.39 -5.30 -0.91
N ASN A 5 -8.01 -6.33 -1.62
CA ASN A 5 -6.84 -6.22 -2.53
C ASN A 5 -7.10 -5.17 -3.61
N GLU A 6 -8.32 -4.74 -3.76
CA GLU A 6 -8.63 -3.72 -4.80
C GLU A 6 -8.32 -2.31 -4.31
N TRP A 7 -8.66 -2.00 -3.09
CA TRP A 7 -8.37 -0.63 -2.58
C TRP A 7 -7.29 -0.69 -1.47
N THR A 8 -7.41 -1.63 -0.58
CA THR A 8 -6.40 -1.74 0.51
C THR A 8 -5.00 -1.56 -0.06
N LEU A 9 -4.71 -2.23 -1.14
CA LEU A 9 -3.34 -2.10 -1.74
C LEU A 9 -2.99 -0.62 -1.93
N GLU A 10 -3.82 0.11 -2.63
CA GLU A 10 -3.53 1.56 -2.84
C GLU A 10 -3.26 2.24 -1.50
N LEU A 11 -3.97 1.86 -0.47
CA LEU A 11 -3.74 2.49 0.85
C LEU A 11 -2.33 2.14 1.33
N LEU A 12 -1.88 0.94 1.06
CA LEU A 12 -0.51 0.54 1.50
C LEU A 12 0.51 1.21 0.58
N GLU A 13 0.13 1.52 -0.63
CA GLU A 13 1.11 2.19 -1.54
C GLU A 13 1.70 3.39 -0.82
N GLU A 14 1.00 3.90 0.16
CA GLU A 14 1.53 5.06 0.93
C GLU A 14 2.49 4.55 1.99
N LEU A 15 2.38 3.29 2.34
CA LEU A 15 3.29 2.71 3.36
C LEU A 15 4.52 2.13 2.64
N LYS A 16 4.34 1.65 1.44
CA LYS A 16 5.49 1.09 0.68
C LYS A 16 6.49 2.20 0.36
N SER A 17 6.03 3.36 0.03
CA SER A 17 6.97 4.47 -0.29
C SER A 17 7.87 4.73 0.92
N GLU A 18 7.31 4.69 2.09
CA GLU A 18 8.15 4.90 3.31
C GLU A 18 9.16 3.77 3.39
N ALA A 19 8.69 2.55 3.36
CA ALA A 19 9.64 1.41 3.40
C ALA A 19 10.63 1.58 2.26
N VAL A 20 10.14 1.91 1.10
CA VAL A 20 11.07 2.14 -0.04
C VAL A 20 11.93 3.36 0.26
N ARG A 21 11.41 4.26 1.05
CA ARG A 21 12.17 5.48 1.42
C ARG A 21 13.18 5.13 2.52
N HIS A 22 12.91 4.10 3.27
CA HIS A 22 13.83 3.71 4.38
C HIS A 22 14.01 2.19 4.39
C ACE A 1 -12.29 -11.75 -2.32
O ACE A 1 -12.04 -11.60 -1.13
CH3 ACE A 1 -13.40 -12.69 -2.78
H1 ACE A 1 -13.37 -13.60 -2.18
H2 ACE A 1 -13.26 -12.94 -3.81
H3 ACE A 1 -14.36 -12.21 -2.64
N GLU A 2 -11.62 -11.11 -3.23
CA GLU A 2 -10.53 -10.17 -2.84
C GLU A 2 -10.79 -8.77 -3.40
N PRO A 3 -12.01 -8.32 -3.27
CA PRO A 3 -12.38 -6.98 -3.78
C PRO A 3 -11.84 -5.90 -2.84
N TYR A 4 -11.60 -6.25 -1.61
CA TYR A 4 -11.08 -5.25 -0.63
C TYR A 4 -9.56 -5.14 -0.74
N ASN A 5 -8.91 -6.15 -1.25
CA ASN A 5 -7.42 -6.10 -1.38
C ASN A 5 -7.00 -4.81 -2.09
N GLU A 6 -7.58 -4.51 -3.22
CA GLU A 6 -7.20 -3.27 -3.95
C GLU A 6 -7.58 -2.03 -3.14
N TRP A 7 -8.59 -2.13 -2.30
CA TRP A 7 -9.00 -0.95 -1.49
C TRP A 7 -8.02 -0.72 -0.34
N THR A 8 -7.46 -1.78 0.18
CA THR A 8 -6.50 -1.61 1.32
C THR A 8 -5.06 -1.69 0.81
N LEU A 9 -4.77 -2.62 -0.06
CA LEU A 9 -3.38 -2.72 -0.59
C LEU A 9 -2.89 -1.32 -1.00
N GLU A 10 -3.74 -0.55 -1.62
CA GLU A 10 -3.33 0.81 -2.05
C GLU A 10 -3.07 1.69 -0.83
N LEU A 11 -3.80 1.48 0.24
CA LEU A 11 -3.57 2.29 1.46
C LEU A 11 -2.14 2.08 1.94
N LEU A 12 -1.59 0.94 1.68
CA LEU A 12 -0.19 0.68 2.08
C LEU A 12 0.74 1.00 0.91
N GLU A 13 0.22 0.97 -0.30
CA GLU A 13 1.06 1.29 -1.47
C GLU A 13 1.80 2.60 -1.19
N GLU A 14 1.16 3.48 -0.46
CA GLU A 14 1.83 4.77 -0.12
C GLU A 14 2.81 4.55 1.04
N LEU A 15 2.60 3.50 1.80
CA LEU A 15 3.52 3.21 2.93
C LEU A 15 4.75 2.47 2.42
N LYS A 16 4.58 1.66 1.41
CA LYS A 16 5.74 0.91 0.83
C LYS A 16 6.76 1.91 0.30
N SER A 17 6.32 2.88 -0.45
CA SER A 17 7.27 3.88 -1.00
C SER A 17 8.04 4.52 0.16
N GLU A 18 7.38 4.73 1.26
CA GLU A 18 8.07 5.31 2.44
C GLU A 18 9.10 4.31 2.93
N ALA A 19 8.69 3.11 3.21
CA ALA A 19 9.66 2.08 3.67
C ALA A 19 10.75 1.95 2.59
N VAL A 20 10.34 1.88 1.35
CA VAL A 20 11.33 1.79 0.25
C VAL A 20 12.15 3.09 0.25
N ARG A 21 11.55 4.15 0.69
CA ARG A 21 12.25 5.46 0.76
C ARG A 21 13.12 5.52 2.01
N HIS A 22 12.68 4.88 3.06
CA HIS A 22 13.46 4.91 4.33
C HIS A 22 13.60 3.48 4.88
C ACE A 1 -14.21 -10.58 -2.73
O ACE A 1 -14.07 -10.58 -1.52
CH3 ACE A 1 -15.51 -11.06 -3.39
H1 ACE A 1 -15.43 -12.11 -3.62
H2 ACE A 1 -15.67 -10.50 -4.29
H3 ACE A 1 -16.33 -10.91 -2.71
N GLU A 2 -13.25 -10.19 -3.52
CA GLU A 2 -11.95 -9.71 -2.94
C GLU A 2 -11.64 -8.30 -3.43
N PRO A 3 -12.62 -7.45 -3.33
CA PRO A 3 -12.47 -6.04 -3.76
C PRO A 3 -11.58 -5.27 -2.78
N TYR A 4 -11.64 -5.61 -1.52
CA TYR A 4 -10.80 -4.90 -0.51
C TYR A 4 -9.32 -5.13 -0.80
N ASN A 5 -8.96 -6.30 -1.28
CA ASN A 5 -7.52 -6.57 -1.57
C ASN A 5 -6.92 -5.37 -2.32
N GLU A 6 -7.62 -4.87 -3.30
CA GLU A 6 -7.10 -3.70 -4.06
C GLU A 6 -7.15 -2.45 -3.18
N TRP A 7 -7.98 -2.46 -2.18
CA TRP A 7 -8.08 -1.27 -1.28
C TRP A 7 -7.02 -1.37 -0.17
N THR A 8 -6.83 -2.54 0.38
CA THR A 8 -5.81 -2.69 1.46
C THR A 8 -4.41 -2.73 0.86
N LEU A 9 -4.23 -3.47 -0.20
CA LEU A 9 -2.88 -3.51 -0.83
C LEU A 9 -2.45 -2.07 -1.15
N GLU A 10 -3.30 -1.33 -1.79
CA GLU A 10 -2.96 0.08 -2.12
C GLU A 10 -2.90 0.91 -0.83
N LEU A 11 -3.63 0.49 0.17
CA LEU A 11 -3.61 1.22 1.46
C LEU A 11 -2.17 1.29 1.98
N LEU A 12 -1.44 0.23 1.84
CA LEU A 12 -0.03 0.22 2.31
C LEU A 12 0.91 0.63 1.17
N GLU A 13 0.46 0.50 -0.05
CA GLU A 13 1.32 0.90 -1.20
C GLU A 13 1.85 2.31 -0.95
N GLU A 14 1.16 3.06 -0.13
CA GLU A 14 1.64 4.43 0.18
C GLU A 14 2.70 4.35 1.28
N LEU A 15 2.63 3.33 2.09
CA LEU A 15 3.64 3.16 3.17
C LEU A 15 4.90 2.53 2.58
N LYS A 16 4.75 1.68 1.61
CA LYS A 16 5.92 1.03 0.97
C LYS A 16 6.83 2.10 0.39
N SER A 17 6.26 3.05 -0.32
CA SER A 17 7.10 4.12 -0.91
C SER A 17 7.85 4.83 0.20
N GLU A 18 7.18 5.08 1.30
CA GLU A 18 7.87 5.73 2.45
C GLU A 18 9.00 4.82 2.91
N ALA A 19 8.68 3.58 3.17
CA ALA A 19 9.74 2.63 3.60
C ALA A 19 10.79 2.58 2.50
N VAL A 20 10.37 2.44 1.27
CA VAL A 20 11.37 2.43 0.17
C VAL A 20 12.08 3.77 0.15
N ARG A 21 11.39 4.80 0.57
CA ARG A 21 11.99 6.17 0.62
C ARG A 21 12.96 6.25 1.80
N HIS A 22 12.68 5.50 2.84
CA HIS A 22 13.56 5.54 4.04
C HIS A 22 13.85 4.11 4.52
C ACE A 1 -12.15 -11.68 -0.97
O ACE A 1 -11.38 -11.63 -0.03
CH3 ACE A 1 -13.43 -12.51 -0.89
H1 ACE A 1 -13.43 -13.25 -1.66
H2 ACE A 1 -14.28 -11.85 -1.02
H3 ACE A 1 -13.50 -12.99 0.08
N GLU A 2 -11.90 -11.04 -2.08
CA GLU A 2 -10.67 -10.23 -2.21
C GLU A 2 -11.01 -8.78 -2.58
N PRO A 3 -11.96 -8.23 -1.87
CA PRO A 3 -12.40 -6.84 -2.12
C PRO A 3 -11.34 -5.86 -1.61
N TYR A 4 -10.61 -6.25 -0.60
CA TYR A 4 -9.56 -5.34 -0.05
C TYR A 4 -8.39 -5.23 -1.03
N ASN A 5 -8.21 -6.21 -1.88
CA ASN A 5 -7.09 -6.16 -2.85
C ASN A 5 -7.28 -4.98 -3.82
N GLU A 6 -8.46 -4.43 -3.88
CA GLU A 6 -8.70 -3.29 -4.82
C GLU A 6 -8.21 -1.97 -4.21
N TRP A 7 -8.46 -1.75 -2.95
CA TRP A 7 -8.00 -0.47 -2.33
C TRP A 7 -6.86 -0.71 -1.34
N THR A 8 -6.98 -1.71 -0.50
CA THR A 8 -5.88 -1.98 0.50
C THR A 8 -4.52 -1.83 -0.17
N LEU A 9 -4.30 -2.50 -1.27
CA LEU A 9 -2.98 -2.36 -1.96
C LEU A 9 -2.66 -0.87 -2.07
N GLU A 10 -3.55 -0.10 -2.61
CA GLU A 10 -3.31 1.35 -2.71
C GLU A 10 -3.32 1.97 -1.31
N LEU A 11 -4.04 1.36 -0.41
CA LEU A 11 -4.09 1.87 0.99
C LEU A 11 -2.70 1.73 1.62
N LEU A 12 -1.99 0.69 1.24
CA LEU A 12 -0.63 0.48 1.79
C LEU A 12 0.41 1.10 0.85
N GLU A 13 0.04 1.35 -0.38
CA GLU A 13 1.02 1.95 -1.33
C GLU A 13 1.64 3.20 -0.70
N GLU A 14 0.96 3.76 0.27
CA GLU A 14 1.51 4.97 0.94
C GLU A 14 2.55 4.52 1.99
N LEU A 15 2.44 3.30 2.44
CA LEU A 15 3.42 2.78 3.43
C LEU A 15 4.58 2.10 2.71
N LYS A 16 4.30 1.42 1.62
CA LYS A 16 5.39 0.73 0.87
C LYS A 16 6.42 1.76 0.39
N SER A 17 5.96 2.91 -0.02
CA SER A 17 6.92 3.95 -0.50
C SER A 17 7.77 4.43 0.68
N GLU A 18 7.20 4.47 1.85
CA GLU A 18 7.97 4.91 3.04
C GLU A 18 9.10 3.92 3.27
N ALA A 19 8.76 2.67 3.42
CA ALA A 19 9.82 1.65 3.62
C ALA A 19 10.81 1.74 2.46
N VAL A 20 10.31 1.88 1.26
CA VAL A 20 11.22 2.01 0.10
C VAL A 20 11.96 3.35 0.20
N ARG A 21 11.34 4.30 0.83
CA ARG A 21 11.98 5.63 1.00
C ARG A 21 12.96 5.58 2.17
N HIS A 22 12.72 4.69 3.10
CA HIS A 22 13.62 4.58 4.29
C HIS A 22 13.93 3.11 4.59
C ACE A 1 -13.56 -11.26 -1.43
O ACE A 1 -12.38 -11.22 -1.16
CH3 ACE A 1 -14.52 -12.17 -0.65
H1 ACE A 1 -15.46 -12.22 -1.18
H2 ACE A 1 -14.68 -11.77 0.33
H3 ACE A 1 -14.10 -13.16 -0.59
N GLU A 2 -14.06 -10.53 -2.38
CA GLU A 2 -13.17 -9.62 -3.17
C GLU A 2 -13.68 -8.17 -3.08
N PRO A 3 -14.00 -7.75 -1.89
CA PRO A 3 -14.49 -6.37 -1.68
C PRO A 3 -13.34 -5.37 -1.77
N TYR A 4 -12.32 -5.55 -0.97
CA TYR A 4 -11.16 -4.62 -1.00
C TYR A 4 -10.64 -4.43 -2.43
N ASN A 5 -10.79 -5.43 -3.26
CA ASN A 5 -10.30 -5.31 -4.66
C ASN A 5 -8.94 -4.61 -4.68
N GLU A 6 -7.93 -5.27 -4.19
CA GLU A 6 -6.57 -4.67 -4.16
C GLU A 6 -6.57 -3.36 -3.35
N TRP A 7 -7.56 -3.15 -2.53
CA TRP A 7 -7.59 -1.89 -1.72
C TRP A 7 -6.49 -1.95 -0.65
N THR A 8 -6.35 -3.06 0.01
CA THR A 8 -5.31 -3.18 1.06
C THR A 8 -3.92 -3.02 0.44
N LEU A 9 -3.69 -3.60 -0.71
CA LEU A 9 -2.36 -3.47 -1.37
C LEU A 9 -2.08 -1.99 -1.67
N GLU A 10 -3.05 -1.29 -2.21
CA GLU A 10 -2.83 0.15 -2.52
C GLU A 10 -2.57 0.93 -1.23
N LEU A 11 -3.21 0.55 -0.15
CA LEU A 11 -2.99 1.26 1.13
C LEU A 11 -1.54 1.08 1.57
N LEU A 12 -1.00 -0.10 1.39
CA LEU A 12 0.42 -0.33 1.80
C LEU A 12 1.35 0.40 0.83
N GLU A 13 0.95 0.58 -0.39
CA GLU A 13 1.83 1.29 -1.35
C GLU A 13 2.27 2.61 -0.70
N GLU A 14 1.52 3.08 0.25
CA GLU A 14 1.90 4.33 0.96
C GLU A 14 2.97 4.00 1.99
N LEU A 15 2.99 2.78 2.45
CA LEU A 15 4.02 2.36 3.43
C LEU A 15 5.32 2.02 2.70
N LYS A 16 5.21 1.36 1.58
CA LYS A 16 6.42 1.01 0.80
C LYS A 16 7.16 2.29 0.42
N SER A 17 6.45 3.28 -0.02
CA SER A 17 7.10 4.57 -0.39
C SER A 17 7.84 5.12 0.83
N GLU A 18 7.26 4.96 1.99
CA GLU A 18 7.95 5.45 3.22
C GLU A 18 9.24 4.66 3.39
N ALA A 19 9.15 3.36 3.37
CA ALA A 19 10.38 2.55 3.50
C ALA A 19 11.32 2.92 2.35
N VAL A 20 10.80 2.98 1.16
CA VAL A 20 11.67 3.39 0.01
C VAL A 20 12.14 4.82 0.26
N ARG A 21 11.35 5.58 0.96
CA ARG A 21 11.73 6.99 1.28
C ARG A 21 12.77 6.99 2.40
N HIS A 22 12.66 6.06 3.31
CA HIS A 22 13.64 6.01 4.44
C HIS A 22 14.21 4.59 4.55
C ACE A 1 -12.21 -11.87 -1.05
O ACE A 1 -11.51 -11.86 -0.06
CH3 ACE A 1 -13.49 -12.71 -1.11
H1 ACE A 1 -13.68 -13.00 -2.14
H2 ACE A 1 -14.32 -12.12 -0.75
H3 ACE A 1 -13.37 -13.59 -0.50
N GLU A 2 -11.89 -11.17 -2.11
CA GLU A 2 -10.66 -10.34 -2.11
C GLU A 2 -11.01 -8.87 -2.36
N PRO A 3 -11.92 -8.38 -1.58
CA PRO A 3 -12.37 -6.96 -1.70
C PRO A 3 -11.28 -6.01 -1.22
N TYR A 4 -10.44 -6.46 -0.34
CA TYR A 4 -9.35 -5.57 0.17
C TYR A 4 -8.33 -5.28 -0.93
N ASN A 5 -8.16 -6.19 -1.84
CA ASN A 5 -7.17 -5.97 -2.94
C ASN A 5 -7.57 -4.74 -3.76
N GLU A 6 -8.78 -4.28 -3.64
CA GLU A 6 -9.22 -3.11 -4.43
C GLU A 6 -8.70 -1.81 -3.80
N TRP A 7 -8.72 -1.70 -2.50
CA TRP A 7 -8.22 -0.45 -1.86
C TRP A 7 -6.97 -0.74 -1.03
N THR A 8 -6.91 -1.87 -0.36
CA THR A 8 -5.71 -2.17 0.45
C THR A 8 -4.44 -1.97 -0.37
N LEU A 9 -4.41 -2.47 -1.58
CA LEU A 9 -3.19 -2.28 -2.43
C LEU A 9 -2.84 -0.80 -2.45
N GLU A 10 -3.79 0.04 -2.79
CA GLU A 10 -3.50 1.50 -2.81
C GLU A 10 -3.42 2.02 -1.37
N LEU A 11 -3.90 1.25 -0.44
CA LEU A 11 -3.85 1.68 0.99
C LEU A 11 -2.42 1.56 1.51
N LEU A 12 -1.69 0.60 1.03
CA LEU A 12 -0.28 0.43 1.47
C LEU A 12 0.66 1.06 0.44
N GLU A 13 0.19 1.27 -0.76
CA GLU A 13 1.05 1.88 -1.81
C GLU A 13 1.69 3.14 -1.22
N GLU A 14 1.04 3.75 -0.26
CA GLU A 14 1.62 4.96 0.36
C GLU A 14 2.62 4.56 1.45
N LEU A 15 2.48 3.35 1.95
CA LEU A 15 3.43 2.87 3.00
C LEU A 15 4.67 2.29 2.33
N LYS A 16 4.51 1.77 1.14
CA LYS A 16 5.67 1.19 0.41
C LYS A 16 6.72 2.28 0.18
N SER A 17 6.30 3.41 -0.29
CA SER A 17 7.27 4.51 -0.52
C SER A 17 8.00 4.82 0.78
N GLU A 18 7.29 4.78 1.88
CA GLU A 18 7.96 5.03 3.19
C GLU A 18 8.97 3.91 3.44
N ALA A 19 8.51 2.69 3.41
CA ALA A 19 9.45 1.56 3.60
C ALA A 19 10.55 1.67 2.55
N VAL A 20 10.18 1.92 1.32
CA VAL A 20 11.20 2.07 0.26
C VAL A 20 12.04 3.31 0.56
N ARG A 21 11.45 4.27 1.23
CA ARG A 21 12.18 5.50 1.61
C ARG A 21 13.05 5.23 2.83
N HIS A 22 12.59 4.37 3.70
CA HIS A 22 13.37 4.05 4.93
C HIS A 22 13.53 2.54 5.09
C ACE A 1 -10.16 -11.72 0.02
O ACE A 1 -9.19 -11.45 0.70
CH3 ACE A 1 -11.15 -12.79 0.48
H1 ACE A 1 -11.58 -13.28 -0.39
H2 ACE A 1 -11.95 -12.33 1.05
H3 ACE A 1 -10.65 -13.52 1.10
N GLU A 2 -10.39 -11.12 -1.11
CA GLU A 2 -9.45 -10.07 -1.60
C GLU A 2 -10.18 -8.74 -1.80
N PRO A 3 -10.89 -8.34 -0.79
CA PRO A 3 -11.64 -7.06 -0.83
C PRO A 3 -10.67 -5.87 -0.75
N TYR A 4 -9.55 -6.07 -0.09
CA TYR A 4 -8.56 -4.97 0.04
C TYR A 4 -7.75 -4.83 -1.25
N ASN A 5 -7.66 -5.88 -2.02
CA ASN A 5 -6.89 -5.82 -3.28
C ASN A 5 -7.50 -4.82 -4.26
N GLU A 6 -8.75 -4.49 -4.10
CA GLU A 6 -9.38 -3.53 -5.05
C GLU A 6 -9.13 -2.07 -4.62
N TRP A 7 -9.38 -1.75 -3.39
CA TRP A 7 -9.16 -0.34 -2.94
C TRP A 7 -8.02 -0.26 -1.92
N THR A 8 -8.04 -1.10 -0.92
CA THR A 8 -6.96 -1.05 0.10
C THR A 8 -5.60 -1.23 -0.59
N LEU A 9 -5.58 -2.00 -1.64
CA LEU A 9 -4.30 -2.22 -2.36
C LEU A 9 -3.56 -0.89 -2.55
N GLU A 10 -4.23 0.11 -3.07
CA GLU A 10 -3.56 1.41 -3.27
C GLU A 10 -3.23 2.06 -1.91
N LEU A 11 -4.03 1.80 -0.91
CA LEU A 11 -3.74 2.40 0.42
C LEU A 11 -2.34 1.99 0.88
N LEU A 12 -1.96 0.78 0.61
CA LEU A 12 -0.59 0.33 1.02
C LEU A 12 0.46 1.12 0.27
N GLU A 13 0.12 1.66 -0.88
CA GLU A 13 1.13 2.46 -1.63
C GLU A 13 1.72 3.50 -0.69
N GLU A 14 1.00 3.83 0.35
CA GLU A 14 1.53 4.83 1.33
C GLU A 14 2.55 4.12 2.23
N LEU A 15 2.40 2.83 2.37
CA LEU A 15 3.36 2.05 3.20
C LEU A 15 4.59 1.70 2.37
N LYS A 16 4.40 1.41 1.11
CA LYS A 16 5.55 1.07 0.23
C LYS A 16 6.52 2.25 0.19
N SER A 17 6.00 3.44 0.01
CA SER A 17 6.89 4.62 -0.03
C SER A 17 7.71 4.66 1.25
N GLU A 18 7.10 4.31 2.36
CA GLU A 18 7.85 4.29 3.64
C GLU A 18 8.94 3.22 3.53
N ALA A 19 8.54 2.01 3.22
CA ALA A 19 9.55 0.94 3.06
C ALA A 19 10.58 1.38 2.03
N VAL A 20 10.12 1.95 0.96
CA VAL A 20 11.06 2.46 -0.07
C VAL A 20 11.84 3.62 0.53
N ARG A 21 11.24 4.30 1.48
CA ARG A 21 11.93 5.43 2.15
C ARG A 21 12.91 4.89 3.19
N HIS A 22 12.58 3.80 3.80
CA HIS A 22 13.48 3.21 4.84
C HIS A 22 13.75 1.74 4.53
C ACE A 1 -12.94 -11.12 0.88
O ACE A 1 -12.12 -10.59 1.59
CH3 ACE A 1 -14.14 -11.88 1.47
H1 ACE A 1 -14.53 -12.56 0.72
H2 ACE A 1 -14.90 -11.19 1.77
H3 ACE A 1 -13.80 -12.45 2.33
N GLU A 2 -12.87 -11.03 -0.42
CA GLU A 2 -11.74 -10.28 -1.05
C GLU A 2 -12.30 -9.20 -1.99
N PRO A 3 -13.21 -8.43 -1.48
CA PRO A 3 -13.83 -7.35 -2.29
C PRO A 3 -12.82 -6.21 -2.47
N TYR A 4 -11.96 -6.01 -1.53
CA TYR A 4 -10.95 -4.91 -1.66
C TYR A 4 -9.98 -5.22 -2.80
N ASN A 5 -9.52 -6.44 -2.88
CA ASN A 5 -8.56 -6.84 -3.97
C ASN A 5 -7.52 -5.75 -4.20
N GLU A 6 -7.81 -4.78 -5.02
CA GLU A 6 -6.83 -3.70 -5.31
C GLU A 6 -6.98 -2.54 -4.32
N TRP A 7 -8.05 -2.51 -3.55
CA TRP A 7 -8.23 -1.38 -2.60
C TRP A 7 -7.09 -1.37 -1.56
N THR A 8 -6.85 -2.48 -0.92
CA THR A 8 -5.77 -2.52 0.11
C THR A 8 -4.42 -2.22 -0.57
N LEU A 9 -4.20 -2.75 -1.74
CA LEU A 9 -2.91 -2.49 -2.43
C LEU A 9 -2.60 -0.98 -2.40
N GLU A 10 -3.63 -0.17 -2.45
CA GLU A 10 -3.40 1.31 -2.42
C GLU A 10 -3.05 1.75 -1.00
N LEU A 11 -3.50 1.01 -0.02
CA LEU A 11 -3.18 1.38 1.39
C LEU A 11 -1.68 1.23 1.63
N LEU A 12 -1.09 0.18 1.11
CA LEU A 12 0.37 -0.01 1.31
C LEU A 12 1.13 1.05 0.50
N GLU A 13 0.51 1.61 -0.50
CA GLU A 13 1.22 2.66 -1.29
C GLU A 13 1.76 3.70 -0.32
N GLU A 14 1.09 3.88 0.79
CA GLU A 14 1.58 4.85 1.80
C GLU A 14 2.72 4.21 2.59
N LEU A 15 2.74 2.90 2.63
CA LEU A 15 3.82 2.20 3.36
C LEU A 15 5.02 1.98 2.42
N LYS A 16 4.75 1.90 1.15
CA LYS A 16 5.86 1.70 0.17
C LYS A 16 6.78 2.93 0.20
N SER A 17 6.21 4.11 0.14
CA SER A 17 7.04 5.33 0.17
C SER A 17 7.91 5.30 1.43
N GLU A 18 7.36 4.84 2.53
CA GLU A 18 8.15 4.76 3.77
C GLU A 18 9.29 3.76 3.55
N ALA A 19 8.96 2.57 3.16
CA ALA A 19 10.02 1.56 2.89
C ALA A 19 10.96 2.14 1.84
N VAL A 20 10.42 2.73 0.82
CA VAL A 20 11.28 3.35 -0.22
C VAL A 20 12.02 4.54 0.40
N ARG A 21 11.44 5.10 1.43
CA ARG A 21 12.09 6.25 2.11
C ARG A 21 13.15 5.73 3.09
N HIS A 22 13.02 4.50 3.49
CA HIS A 22 14.01 3.93 4.46
C HIS A 22 14.33 2.48 4.06
C ACE A 1 -12.80 -11.32 -2.22
O ACE A 1 -12.47 -11.24 -1.05
CH3 ACE A 1 -14.08 -12.06 -2.62
H1 ACE A 1 -13.84 -12.83 -3.34
H2 ACE A 1 -14.76 -11.35 -3.07
H3 ACE A 1 -14.54 -12.49 -1.75
N GLU A 2 -12.07 -10.80 -3.17
CA GLU A 2 -10.82 -10.08 -2.84
C GLU A 2 -10.88 -8.63 -3.32
N PRO A 3 -11.99 -7.99 -3.08
CA PRO A 3 -12.17 -6.57 -3.50
C PRO A 3 -11.36 -5.66 -2.58
N TYR A 4 -11.37 -5.93 -1.31
CA TYR A 4 -10.61 -5.08 -0.34
C TYR A 4 -9.13 -5.09 -0.69
N ASN A 5 -8.66 -6.17 -1.26
CA ASN A 5 -7.21 -6.24 -1.62
C ASN A 5 -6.78 -4.95 -2.32
N GLU A 6 -7.45 -4.59 -3.38
CA GLU A 6 -7.08 -3.34 -4.11
C GLU A 6 -7.29 -2.12 -3.22
N TRP A 7 -8.28 -2.16 -2.37
CA TRP A 7 -8.53 -1.00 -1.47
C TRP A 7 -7.42 -0.88 -0.42
N THR A 8 -7.05 -1.98 0.17
CA THR A 8 -5.97 -1.94 1.20
C THR A 8 -4.59 -1.93 0.54
N LEU A 9 -4.33 -2.87 -0.34
CA LEU A 9 -3.01 -2.89 -1.02
C LEU A 9 -2.63 -1.48 -1.45
N GLU A 10 -3.57 -0.77 -2.03
CA GLU A 10 -3.29 0.63 -2.44
C GLU A 10 -3.25 1.52 -1.20
N LEU A 11 -3.96 1.12 -0.19
CA LEU A 11 -3.98 1.92 1.08
C LEU A 11 -2.58 1.90 1.71
N LEU A 12 -1.91 0.78 1.62
CA LEU A 12 -0.53 0.69 2.20
C LEU A 12 0.51 1.04 1.14
N GLU A 13 0.15 0.97 -0.11
CA GLU A 13 1.13 1.31 -1.17
C GLU A 13 1.78 2.66 -0.83
N GLU A 14 1.10 3.46 -0.06
CA GLU A 14 1.67 4.77 0.34
C GLU A 14 2.70 4.54 1.45
N LEU A 15 2.48 3.52 2.24
CA LEU A 15 3.43 3.21 3.33
C LEU A 15 4.63 2.47 2.76
N LYS A 16 4.42 1.66 1.75
CA LYS A 16 5.54 0.92 1.13
C LYS A 16 6.53 1.92 0.52
N SER A 17 6.05 2.87 -0.22
CA SER A 17 6.97 3.87 -0.82
C SER A 17 7.79 4.51 0.28
N GLU A 18 7.20 4.72 1.43
CA GLU A 18 7.95 5.31 2.56
C GLU A 18 9.05 4.33 2.97
N ALA A 19 8.67 3.12 3.27
CA ALA A 19 9.70 2.11 3.65
C ALA A 19 10.70 2.01 2.50
N VAL A 20 10.21 1.92 1.28
CA VAL A 20 11.13 1.85 0.13
C VAL A 20 11.92 3.17 0.06
N ARG A 21 11.32 4.23 0.54
CA ARG A 21 12.01 5.55 0.54
C ARG A 21 13.01 5.60 1.69
N HIS A 22 12.72 4.91 2.76
CA HIS A 22 13.64 4.91 3.93
C HIS A 22 13.89 3.47 4.41
C ACE A 1 -13.83 -11.20 -1.43
O ACE A 1 -13.45 -10.97 -0.30
CH3 ACE A 1 -15.17 -11.89 -1.69
H1 ACE A 1 -15.00 -12.95 -1.85
H2 ACE A 1 -15.64 -11.47 -2.57
H3 ACE A 1 -15.82 -11.76 -0.84
N GLU A 2 -13.12 -10.85 -2.47
CA GLU A 2 -11.81 -10.16 -2.28
C GLU A 2 -11.81 -8.81 -3.00
N PRO A 3 -12.84 -8.05 -2.76
CA PRO A 3 -12.98 -6.72 -3.39
C PRO A 3 -11.98 -5.73 -2.78
N TYR A 4 -11.41 -6.06 -1.66
CA TYR A 4 -10.44 -5.13 -1.01
C TYR A 4 -9.04 -5.30 -1.62
N ASN A 5 -8.84 -6.34 -2.40
CA ASN A 5 -7.50 -6.56 -3.01
C ASN A 5 -6.89 -5.23 -3.48
N GLU A 6 -7.71 -4.26 -3.80
CA GLU A 6 -7.18 -2.97 -4.27
C GLU A 6 -7.46 -1.86 -3.24
N TRP A 7 -8.49 -2.02 -2.45
CA TRP A 7 -8.82 -0.97 -1.44
C TRP A 7 -7.80 -1.00 -0.30
N THR A 8 -7.32 -2.15 0.08
CA THR A 8 -6.34 -2.22 1.19
C THR A 8 -4.91 -2.29 0.65
N LEU A 9 -4.73 -2.84 -0.52
CA LEU A 9 -3.34 -2.91 -1.08
C LEU A 9 -2.83 -1.50 -1.33
N GLU A 10 -3.69 -0.63 -1.79
CA GLU A 10 -3.27 0.77 -2.06
C GLU A 10 -2.89 1.44 -0.73
N LEU A 11 -3.53 1.05 0.34
CA LEU A 11 -3.19 1.66 1.67
C LEU A 11 -1.73 1.41 1.99
N LEU A 12 -1.25 0.23 1.72
CA LEU A 12 0.17 -0.07 1.99
C LEU A 12 1.03 0.41 0.83
N GLU A 13 0.45 0.48 -0.35
CA GLU A 13 1.23 0.96 -1.51
C GLU A 13 1.89 2.28 -1.14
N GLU A 14 1.30 3.01 -0.23
CA GLU A 14 1.91 4.30 0.19
C GLU A 14 2.86 4.05 1.36
N LEU A 15 2.78 2.89 1.97
CA LEU A 15 3.70 2.58 3.11
C LEU A 15 5.02 2.07 2.54
N LYS A 16 4.97 1.28 1.50
CA LYS A 16 6.23 0.75 0.90
C LYS A 16 7.08 1.92 0.42
N SER A 17 6.49 2.84 -0.29
CA SER A 17 7.26 4.01 -0.78
C SER A 17 7.93 4.69 0.41
N GLU A 18 7.28 4.72 1.53
CA GLU A 18 7.89 5.33 2.73
C GLU A 18 9.12 4.50 3.12
N ALA A 19 8.93 3.22 3.31
CA ALA A 19 10.08 2.35 3.65
C ALA A 19 11.13 2.52 2.55
N VAL A 20 10.71 2.49 1.31
CA VAL A 20 11.68 2.69 0.21
C VAL A 20 12.23 4.11 0.31
N ARG A 21 11.43 5.02 0.82
CA ARG A 21 11.88 6.42 0.97
C ARG A 21 12.81 6.53 2.19
N HIS A 22 12.64 5.65 3.14
CA HIS A 22 13.51 5.69 4.35
C HIS A 22 13.97 4.29 4.71
C ACE A 1 -14.00 -11.10 -0.41
O ACE A 1 -13.16 -11.03 0.48
CH3 ACE A 1 -15.38 -11.71 -0.13
H1 ACE A 1 -15.93 -11.07 0.55
H2 ACE A 1 -15.26 -12.68 0.31
H3 ACE A 1 -15.93 -11.78 -1.06
N GLU A 2 -13.76 -10.67 -1.61
CA GLU A 2 -12.43 -10.07 -1.93
C GLU A 2 -12.60 -8.63 -2.45
N PRO A 3 -13.39 -7.88 -1.74
CA PRO A 3 -13.66 -6.47 -2.12
C PRO A 3 -12.43 -5.59 -1.84
N TYR A 4 -11.41 -6.16 -1.25
CA TYR A 4 -10.18 -5.36 -0.94
C TYR A 4 -9.05 -5.75 -1.88
N ASN A 5 -9.31 -6.65 -2.80
CA ASN A 5 -8.25 -7.09 -3.76
C ASN A 5 -7.25 -5.98 -4.06
N GLU A 6 -7.70 -4.81 -4.40
CA GLU A 6 -6.75 -3.71 -4.72
C GLU A 6 -6.89 -2.57 -3.69
N TRP A 7 -7.97 -2.54 -2.95
CA TRP A 7 -8.13 -1.46 -1.94
C TRP A 7 -6.98 -1.49 -0.94
N THR A 8 -6.69 -2.64 -0.39
CA THR A 8 -5.58 -2.75 0.59
C THR A 8 -4.23 -2.54 -0.11
N LEU A 9 -4.11 -3.01 -1.32
CA LEU A 9 -2.82 -2.84 -2.06
C LEU A 9 -2.52 -1.35 -2.24
N GLU A 10 -3.50 -0.56 -2.56
CA GLU A 10 -3.25 0.90 -2.74
C GLU A 10 -2.94 1.53 -1.39
N LEU A 11 -3.60 1.12 -0.35
CA LEU A 11 -3.32 1.71 0.99
C LEU A 11 -1.86 1.48 1.35
N LEU A 12 -1.36 0.30 1.12
CA LEU A 12 0.07 0.02 1.46
C LEU A 12 0.99 0.90 0.60
N GLU A 13 0.53 1.33 -0.54
CA GLU A 13 1.39 2.19 -1.39
C GLU A 13 1.94 3.31 -0.51
N GLU A 14 1.23 3.65 0.53
CA GLU A 14 1.70 4.73 1.44
C GLU A 14 2.82 4.16 2.32
N LEU A 15 2.80 2.87 2.54
CA LEU A 15 3.86 2.24 3.37
C LEU A 15 5.09 1.98 2.50
N LYS A 16 4.88 1.62 1.26
CA LYS A 16 6.04 1.38 0.35
C LYS A 16 6.87 2.65 0.23
N SER A 17 6.23 3.77 0.02
CA SER A 17 6.97 5.04 -0.09
C SER A 17 7.80 5.23 1.18
N GLU A 18 7.28 4.87 2.31
CA GLU A 18 8.05 5.00 3.56
C GLU A 18 9.24 4.06 3.48
N ALA A 19 8.99 2.79 3.28
CA ALA A 19 10.11 1.84 3.15
C ALA A 19 11.04 2.31 2.04
N VAL A 20 10.47 2.72 0.93
CA VAL A 20 11.32 3.24 -0.18
C VAL A 20 11.99 4.52 0.31
N ARG A 21 11.34 5.24 1.17
CA ARG A 21 11.92 6.49 1.73
C ARG A 21 12.99 6.15 2.76
N HIS A 22 12.80 5.07 3.47
CA HIS A 22 13.78 4.66 4.52
C HIS A 22 14.16 3.19 4.35
C ACE A 1 -13.23 -11.00 -2.60
O ACE A 1 -12.87 -11.07 -1.44
CH3 ACE A 1 -14.50 -11.71 -3.08
H1 ACE A 1 -14.41 -12.77 -2.89
H2 ACE A 1 -14.63 -11.54 -4.14
H3 ACE A 1 -15.35 -11.32 -2.55
N GLU A 2 -12.54 -10.34 -3.48
CA GLU A 2 -11.29 -9.64 -3.07
C GLU A 2 -11.39 -8.14 -3.38
N PRO A 3 -12.50 -7.57 -3.00
CA PRO A 3 -12.72 -6.11 -3.23
C PRO A 3 -11.86 -5.29 -2.27
N TYR A 4 -11.76 -5.71 -1.04
CA TYR A 4 -10.93 -4.96 -0.05
C TYR A 4 -9.46 -5.05 -0.43
N ASN A 5 -9.05 -6.13 -1.02
CA ASN A 5 -7.62 -6.27 -1.41
C ASN A 5 -7.16 -5.02 -2.13
N GLU A 6 -7.86 -4.62 -3.15
CA GLU A 6 -7.47 -3.39 -3.90
C GLU A 6 -7.53 -2.17 -2.97
N TRP A 7 -8.41 -2.20 -2.00
CA TRP A 7 -8.51 -1.04 -1.05
C TRP A 7 -7.34 -1.07 -0.06
N THR A 8 -7.07 -2.21 0.52
CA THR A 8 -5.95 -2.29 1.50
C THR A 8 -4.62 -2.34 0.76
N LEU A 9 -4.48 -3.23 -0.19
CA LEU A 9 -3.20 -3.31 -0.95
C LEU A 9 -2.77 -1.90 -1.35
N GLU A 10 -3.65 -1.16 -1.95
CA GLU A 10 -3.30 0.23 -2.38
C GLU A 10 -2.90 1.05 -1.14
N LEU A 11 -3.44 0.71 0.00
CA LEU A 11 -3.08 1.48 1.23
C LEU A 11 -1.59 1.26 1.54
N LEU A 12 -1.10 0.08 1.33
CA LEU A 12 0.33 -0.17 1.59
C LEU A 12 1.15 0.34 0.41
N GLU A 13 0.55 0.38 -0.76
CA GLU A 13 1.29 0.90 -1.94
C GLU A 13 1.91 2.24 -1.57
N GLU A 14 1.28 2.96 -0.67
CA GLU A 14 1.83 4.26 -0.24
C GLU A 14 2.80 4.03 0.92
N LEU A 15 2.67 2.91 1.60
CA LEU A 15 3.59 2.60 2.72
C LEU A 15 4.93 2.13 2.14
N LYS A 16 4.89 1.42 1.05
CA LYS A 16 6.15 0.94 0.43
C LYS A 16 7.01 2.13 0.06
N SER A 17 6.43 3.14 -0.53
CA SER A 17 7.23 4.34 -0.89
C SER A 17 7.85 4.90 0.38
N GLU A 18 7.12 4.95 1.45
CA GLU A 18 7.68 5.44 2.72
C GLU A 18 8.82 4.51 3.13
N ALA A 19 8.52 3.23 3.21
CA ALA A 19 9.59 2.26 3.57
C ALA A 19 10.74 2.44 2.58
N VAL A 20 10.42 2.55 1.31
CA VAL A 20 11.50 2.77 0.31
C VAL A 20 12.13 4.14 0.59
N ARG A 21 11.34 5.05 1.07
CA ARG A 21 11.84 6.41 1.39
C ARG A 21 12.72 6.34 2.65
N HIS A 22 12.45 5.39 3.50
CA HIS A 22 13.25 5.26 4.75
C HIS A 22 13.63 3.80 4.99
C ACE A 1 -10.85 -12.09 -0.92
O ACE A 1 -10.05 -11.98 -0.01
CH3 ACE A 1 -12.00 -13.08 -0.83
H1 ACE A 1 -11.70 -13.94 -0.23
H2 ACE A 1 -12.27 -13.42 -1.82
H3 ACE A 1 -12.86 -12.62 -0.37
N GLU A 2 -10.74 -11.38 -2.00
CA GLU A 2 -9.63 -10.38 -2.14
C GLU A 2 -10.19 -8.99 -2.41
N PRO A 3 -11.18 -8.63 -1.63
CA PRO A 3 -11.81 -7.29 -1.78
C PRO A 3 -10.87 -6.19 -1.27
N TYR A 4 -10.09 -6.50 -0.26
CA TYR A 4 -9.15 -5.49 0.28
C TYR A 4 -8.12 -5.10 -0.77
N ASN A 5 -7.75 -6.01 -1.63
CA ASN A 5 -6.76 -5.69 -2.69
C ASN A 5 -7.28 -4.55 -3.56
N GLU A 6 -8.55 -4.26 -3.51
CA GLU A 6 -9.10 -3.16 -4.34
C GLU A 6 -8.72 -1.81 -3.75
N TRP A 7 -8.82 -1.65 -2.46
CA TRP A 7 -8.43 -0.34 -1.85
C TRP A 7 -7.17 -0.50 -1.02
N THR A 8 -7.03 -1.58 -0.30
CA THR A 8 -5.82 -1.79 0.53
C THR A 8 -4.57 -1.50 -0.31
N LEU A 9 -4.51 -2.00 -1.51
CA LEU A 9 -3.31 -1.73 -2.36
C LEU A 9 -3.06 -0.22 -2.41
N GLU A 10 -4.07 0.55 -2.70
CA GLU A 10 -3.88 2.03 -2.73
C GLU A 10 -3.78 2.55 -1.29
N LEU A 11 -4.20 1.74 -0.35
CA LEU A 11 -4.13 2.15 1.08
C LEU A 11 -2.69 2.04 1.56
N LEU A 12 -1.96 1.08 1.05
CA LEU A 12 -0.54 0.89 1.46
C LEU A 12 0.39 1.41 0.36
N GLU A 13 -0.14 1.67 -0.81
CA GLU A 13 0.72 2.18 -1.91
C GLU A 13 1.53 3.37 -1.39
N GLU A 14 0.98 4.09 -0.46
CA GLU A 14 1.73 5.25 0.12
C GLU A 14 2.64 4.73 1.24
N LEU A 15 2.30 3.60 1.80
CA LEU A 15 3.14 3.02 2.88
C LEU A 15 4.34 2.30 2.26
N LYS A 16 4.18 1.81 1.06
CA LYS A 16 5.31 1.09 0.39
C LYS A 16 6.45 2.07 0.13
N SER A 17 6.16 3.21 -0.43
CA SER A 17 7.23 4.21 -0.70
C SER A 17 7.96 4.49 0.61
N GLU A 18 7.24 4.57 1.70
CA GLU A 18 7.90 4.81 3.00
C GLU A 18 8.78 3.61 3.30
N ALA A 19 8.22 2.44 3.29
CA ALA A 19 9.05 1.23 3.54
C ALA A 19 10.18 1.21 2.53
N VAL A 20 9.88 1.46 1.28
CA VAL A 20 10.96 1.51 0.26
C VAL A 20 11.88 2.67 0.60
N ARG A 21 11.35 3.68 1.22
CA ARG A 21 12.19 4.85 1.62
C ARG A 21 12.98 4.51 2.89
N HIS A 22 12.43 3.67 3.72
CA HIS A 22 13.13 3.30 4.99
C HIS A 22 13.10 1.78 5.18
C ACE A 1 -13.84 -11.41 -0.88
O ACE A 1 -12.67 -11.45 -0.56
CH3 ACE A 1 -14.89 -12.24 -0.14
H1 ACE A 1 -14.48 -12.58 0.80
H2 ACE A 1 -15.17 -13.09 -0.74
H3 ACE A 1 -15.76 -11.63 0.05
N GLU A 2 -14.24 -10.66 -1.87
CA GLU A 2 -13.27 -9.83 -2.62
C GLU A 2 -13.74 -8.38 -2.66
N PRO A 3 -14.06 -7.87 -1.50
CA PRO A 3 -14.53 -6.47 -1.40
C PRO A 3 -13.37 -5.50 -1.57
N TYR A 4 -12.37 -5.62 -0.74
CA TYR A 4 -11.20 -4.70 -0.83
C TYR A 4 -10.75 -4.56 -2.29
N ASN A 5 -10.99 -5.56 -3.11
CA ASN A 5 -10.58 -5.49 -4.54
C ASN A 5 -9.21 -4.80 -4.67
N GLU A 6 -8.17 -5.48 -4.27
CA GLU A 6 -6.80 -4.88 -4.36
C GLU A 6 -6.73 -3.57 -3.58
N TRP A 7 -7.63 -3.36 -2.66
CA TRP A 7 -7.59 -2.09 -1.87
C TRP A 7 -6.34 -2.08 -0.98
N THR A 8 -6.04 -3.19 -0.35
CA THR A 8 -4.84 -3.23 0.53
C THR A 8 -3.58 -2.81 -0.24
N LEU A 9 -3.40 -3.35 -1.42
CA LEU A 9 -2.20 -2.96 -2.21
C LEU A 9 -2.02 -1.44 -2.15
N GLU A 10 -3.06 -0.72 -2.46
CA GLU A 10 -2.96 0.77 -2.40
C GLU A 10 -2.68 1.18 -0.95
N LEU A 11 -3.14 0.40 -0.01
CA LEU A 11 -2.89 0.73 1.42
C LEU A 11 -1.39 0.65 1.71
N LEU A 12 -0.73 -0.34 1.17
CA LEU A 12 0.75 -0.46 1.40
C LEU A 12 1.50 0.44 0.42
N GLU A 13 0.93 0.72 -0.71
CA GLU A 13 1.62 1.60 -1.68
C GLU A 13 2.06 2.87 -0.96
N GLU A 14 1.42 3.17 0.13
CA GLU A 14 1.81 4.38 0.92
C GLU A 14 2.93 3.99 1.89
N LEU A 15 3.03 2.73 2.21
CA LEU A 15 4.12 2.28 3.13
C LEU A 15 5.41 2.09 2.32
N LYS A 16 5.29 1.66 1.10
CA LYS A 16 6.50 1.47 0.25
C LYS A 16 7.24 2.79 0.13
N SER A 17 6.53 3.86 -0.13
CA SER A 17 7.20 5.19 -0.24
C SER A 17 7.93 5.48 1.07
N GLU A 18 7.30 5.20 2.18
CA GLU A 18 7.97 5.42 3.48
C GLU A 18 9.21 4.52 3.53
N ALA A 19 9.03 3.26 3.27
CA ALA A 19 10.19 2.34 3.27
C ALA A 19 11.20 2.87 2.26
N VAL A 20 10.75 3.20 1.08
CA VAL A 20 11.68 3.77 0.07
C VAL A 20 12.23 5.08 0.61
N ARG A 21 11.47 5.72 1.46
CA ARG A 21 11.93 7.00 2.07
C ARG A 21 12.89 6.70 3.22
N HIS A 22 12.76 5.55 3.81
CA HIS A 22 13.66 5.19 4.95
C HIS A 22 14.09 3.72 4.83
C ACE A 1 -13.42 -11.04 -2.58
O ACE A 1 -13.19 -10.99 -1.39
CH3 ACE A 1 -14.66 -11.77 -3.12
H1 ACE A 1 -15.53 -11.15 -2.97
H2 ACE A 1 -14.78 -12.71 -2.59
H3 ACE A 1 -14.53 -11.96 -4.18
N GLU A 2 -12.61 -10.48 -3.45
CA GLU A 2 -11.40 -9.77 -2.98
C GLU A 2 -11.42 -8.30 -3.44
N PRO A 3 -12.55 -7.67 -3.26
CA PRO A 3 -12.70 -6.25 -3.66
C PRO A 3 -11.96 -5.34 -2.67
N TYR A 4 -11.90 -5.74 -1.43
CA TYR A 4 -11.19 -4.90 -0.42
C TYR A 4 -9.68 -4.95 -0.65
N ASN A 5 -9.17 -6.05 -1.13
CA ASN A 5 -7.71 -6.15 -1.37
C ASN A 5 -7.21 -4.91 -2.10
N GLU A 6 -7.82 -4.58 -3.20
CA GLU A 6 -7.39 -3.36 -3.97
C GLU A 6 -7.50 -2.13 -3.08
N TRP A 7 -8.41 -2.13 -2.15
CA TRP A 7 -8.57 -0.95 -1.25
C TRP A 7 -7.47 -0.94 -0.18
N THR A 8 -7.11 -2.09 0.32
CA THR A 8 -6.04 -2.15 1.37
C THR A 8 -4.67 -2.32 0.72
N LEU A 9 -4.55 -3.21 -0.23
CA LEU A 9 -3.23 -3.40 -0.89
C LEU A 9 -2.66 -2.03 -1.27
N GLU A 10 -3.44 -1.23 -1.94
CA GLU A 10 -2.95 0.13 -2.32
C GLU A 10 -2.71 0.96 -1.06
N LEU A 11 -3.48 0.70 -0.03
CA LEU A 11 -3.29 1.46 1.25
C LEU A 11 -1.84 1.32 1.71
N LEU A 12 -1.30 0.13 1.63
CA LEU A 12 0.12 -0.06 2.06
C LEU A 12 1.05 0.34 0.92
N GLU A 13 0.61 0.23 -0.30
CA GLU A 13 1.49 0.62 -1.42
C GLU A 13 2.05 2.01 -1.13
N GLU A 14 1.36 2.77 -0.32
CA GLU A 14 1.84 4.11 0.05
C GLU A 14 2.85 4.00 1.20
N LEU A 15 2.73 2.95 1.97
CA LEU A 15 3.70 2.74 3.09
C LEU A 15 5.00 2.20 2.52
N LYS A 16 4.91 1.34 1.54
CA LYS A 16 6.14 0.78 0.92
C LYS A 16 6.99 1.92 0.37
N SER A 17 6.36 2.86 -0.29
CA SER A 17 7.13 4.00 -0.85
C SER A 17 7.84 4.72 0.30
N GLU A 18 7.16 4.90 1.40
CA GLU A 18 7.80 5.55 2.57
C GLU A 18 8.97 4.68 3.00
N ALA A 19 8.72 3.41 3.21
CA ALA A 19 9.84 2.51 3.60
C ALA A 19 10.91 2.59 2.52
N VAL A 20 10.51 2.52 1.27
CA VAL A 20 11.51 2.64 0.18
C VAL A 20 12.12 4.05 0.24
N ARG A 21 11.36 4.99 0.72
CA ARG A 21 11.87 6.38 0.85
C ARG A 21 12.80 6.48 2.05
N HIS A 22 12.53 5.71 3.07
CA HIS A 22 13.37 5.76 4.30
C HIS A 22 13.79 4.34 4.70
C ACE A 1 -12.68 -11.15 -2.56
O ACE A 1 -12.75 -10.45 -3.55
CH3 ACE A 1 -13.82 -12.10 -2.19
H1 ACE A 1 -13.93 -12.11 -1.11
H2 ACE A 1 -13.58 -13.10 -2.52
H3 ACE A 1 -14.73 -11.77 -2.64
N GLU A 2 -11.64 -11.13 -1.78
CA GLU A 2 -10.50 -10.22 -2.08
C GLU A 2 -11.00 -8.79 -2.28
N PRO A 3 -11.87 -8.35 -1.41
CA PRO A 3 -12.41 -6.97 -1.52
C PRO A 3 -11.35 -5.99 -1.03
N TYR A 4 -10.49 -6.44 -0.16
CA TYR A 4 -9.41 -5.54 0.36
C TYR A 4 -8.35 -5.32 -0.73
N ASN A 5 -8.18 -6.27 -1.60
CA ASN A 5 -7.17 -6.11 -2.68
C ASN A 5 -7.52 -4.93 -3.58
N GLU A 6 -8.76 -4.50 -3.55
CA GLU A 6 -9.16 -3.35 -4.41
C GLU A 6 -8.65 -2.03 -3.85
N TRP A 7 -8.68 -1.86 -2.56
CA TRP A 7 -8.19 -0.58 -1.97
C TRP A 7 -6.96 -0.82 -1.08
N THR A 8 -6.92 -1.91 -0.38
CA THR A 8 -5.75 -2.17 0.51
C THR A 8 -4.44 -1.98 -0.27
N LEU A 9 -4.33 -2.57 -1.42
CA LEU A 9 -3.09 -2.40 -2.23
C LEU A 9 -2.73 -0.91 -2.29
N GLU A 10 -3.65 -0.09 -2.70
CA GLU A 10 -3.35 1.38 -2.76
C GLU A 10 -3.28 1.92 -1.33
N LEU A 11 -3.86 1.22 -0.39
CA LEU A 11 -3.82 1.69 1.02
C LEU A 11 -2.40 1.59 1.55
N LEU A 12 -1.65 0.61 1.10
CA LEU A 12 -0.25 0.46 1.56
C LEU A 12 0.70 1.05 0.51
N GLU A 13 0.24 1.21 -0.70
CA GLU A 13 1.11 1.79 -1.76
C GLU A 13 1.76 3.05 -1.22
N GLU A 14 1.11 3.70 -0.29
CA GLU A 14 1.68 4.93 0.31
C GLU A 14 2.65 4.55 1.42
N LEU A 15 2.45 3.40 2.01
CA LEU A 15 3.36 2.94 3.09
C LEU A 15 4.60 2.31 2.46
N LYS A 16 4.45 1.74 1.29
CA LYS A 16 5.61 1.12 0.60
C LYS A 16 6.64 2.20 0.28
N SER A 17 6.20 3.29 -0.29
CA SER A 17 7.16 4.39 -0.61
C SER A 17 7.90 4.78 0.66
N GLU A 18 7.22 4.78 1.77
CA GLU A 18 7.89 5.12 3.05
C GLU A 18 8.93 4.04 3.34
N ALA A 19 8.51 2.81 3.39
CA ALA A 19 9.47 1.70 3.64
C ALA A 19 10.55 1.78 2.57
N VAL A 20 10.16 1.96 1.34
CA VAL A 20 11.17 2.08 0.26
C VAL A 20 11.99 3.34 0.50
N ARG A 21 11.39 4.30 1.15
CA ARG A 21 12.11 5.57 1.47
C ARG A 21 13.02 5.34 2.68
N HIS A 22 12.63 4.44 3.54
CA HIS A 22 13.46 4.18 4.75
C HIS A 22 13.60 2.66 4.97
C ACE A 1 -12.93 -11.84 -1.75
O ACE A 1 -12.95 -11.54 -0.57
CH3 ACE A 1 -14.01 -12.73 -2.36
H1 ACE A 1 -14.96 -12.20 -2.37
H2 ACE A 1 -14.11 -13.64 -1.78
H3 ACE A 1 -13.73 -12.99 -3.37
N GLU A 2 -11.99 -11.40 -2.54
CA GLU A 2 -10.91 -10.52 -2.00
C GLU A 2 -10.87 -9.21 -2.78
N PRO A 3 -12.02 -8.59 -2.89
CA PRO A 3 -12.14 -7.30 -3.62
C PRO A 3 -11.48 -6.17 -2.82
N TYR A 4 -11.51 -6.24 -1.53
CA TYR A 4 -10.91 -5.17 -0.69
C TYR A 4 -9.41 -5.00 -1.00
N ASN A 5 -8.78 -6.03 -1.50
CA ASN A 5 -7.32 -5.93 -1.82
C ASN A 5 -7.00 -4.56 -2.42
N GLU A 6 -7.66 -4.21 -3.50
CA GLU A 6 -7.39 -2.89 -4.14
C GLU A 6 -7.70 -1.74 -3.17
N TRP A 7 -8.59 -1.95 -2.25
CA TRP A 7 -8.93 -0.86 -1.28
C TRP A 7 -7.82 -0.72 -0.23
N THR A 8 -7.27 -1.82 0.22
CA THR A 8 -6.19 -1.74 1.24
C THR A 8 -4.82 -1.76 0.56
N LEU A 9 -4.63 -2.65 -0.38
CA LEU A 9 -3.31 -2.69 -1.08
C LEU A 9 -2.89 -1.27 -1.44
N GLU A 10 -3.77 -0.51 -2.06
CA GLU A 10 -3.42 0.89 -2.42
C GLU A 10 -3.25 1.70 -1.14
N LEU A 11 -3.85 1.26 -0.06
CA LEU A 11 -3.71 2.01 1.22
C LEU A 11 -2.26 1.89 1.70
N LEU A 12 -1.62 0.79 1.38
CA LEU A 12 -0.21 0.59 1.78
C LEU A 12 0.72 1.02 0.63
N GLU A 13 0.18 1.09 -0.56
CA GLU A 13 1.02 1.51 -1.72
C GLU A 13 1.79 2.77 -1.33
N GLU A 14 1.22 3.56 -0.47
CA GLU A 14 1.91 4.81 -0.03
C GLU A 14 2.86 4.46 1.11
N LEU A 15 2.59 3.40 1.83
CA LEU A 15 3.48 3.00 2.95
C LEU A 15 4.74 2.36 2.36
N LYS A 16 4.60 1.70 1.23
CA LYS A 16 5.80 1.07 0.60
C LYS A 16 6.81 2.15 0.25
N SER A 17 6.37 3.19 -0.39
CA SER A 17 7.30 4.30 -0.75
C SER A 17 8.03 4.74 0.52
N GLU A 18 7.35 4.72 1.63
CA GLU A 18 8.01 5.10 2.90
C GLU A 18 9.10 4.08 3.21
N ALA A 19 8.74 2.84 3.26
CA ALA A 19 9.77 1.79 3.52
C ALA A 19 10.84 1.90 2.43
N VAL A 20 10.43 2.02 1.20
CA VAL A 20 11.43 2.17 0.10
C VAL A 20 12.16 3.50 0.32
N ARG A 21 11.53 4.43 0.96
CA ARG A 21 12.16 5.75 1.24
C ARG A 21 13.08 5.61 2.45
N HIS A 22 12.72 4.72 3.35
CA HIS A 22 13.54 4.52 4.58
C HIS A 22 13.74 3.03 4.84
C ACE A 1 -11.17 -12.16 -0.71
O ACE A 1 -10.45 -12.05 0.28
CH3 ACE A 1 -12.35 -13.13 -0.71
H1 ACE A 1 -13.26 -12.57 -0.89
H2 ACE A 1 -12.42 -13.62 0.24
H3 ACE A 1 -12.22 -13.86 -1.50
N GLU A 2 -10.95 -11.46 -1.79
CA GLU A 2 -9.81 -10.50 -1.85
C GLU A 2 -10.32 -9.09 -2.17
N PRO A 3 -11.29 -8.67 -1.43
CA PRO A 3 -11.89 -7.32 -1.62
C PRO A 3 -10.91 -6.23 -1.17
N TYR A 4 -10.07 -6.54 -0.22
CA TYR A 4 -9.10 -5.52 0.28
C TYR A 4 -8.08 -5.16 -0.82
N ASN A 5 -7.77 -6.09 -1.68
CA ASN A 5 -6.80 -5.80 -2.77
C ASN A 5 -7.34 -4.70 -3.69
N GLU A 6 -8.61 -4.44 -3.63
CA GLU A 6 -9.20 -3.38 -4.50
C GLU A 6 -8.86 -1.99 -3.96
N TRP A 7 -8.87 -1.80 -2.68
CA TRP A 7 -8.56 -0.45 -2.13
C TRP A 7 -7.30 -0.52 -1.26
N THR A 8 -7.14 -1.56 -0.49
CA THR A 8 -5.93 -1.66 0.38
C THR A 8 -4.67 -1.40 -0.45
N LEU A 9 -4.58 -1.97 -1.62
CA LEU A 9 -3.37 -1.74 -2.46
C LEU A 9 -3.07 -0.24 -2.49
N GLU A 10 -4.04 0.56 -2.87
CA GLU A 10 -3.81 2.04 -2.88
C GLU A 10 -3.73 2.56 -1.46
N LEU A 11 -4.15 1.77 -0.51
CA LEU A 11 -4.08 2.20 0.92
C LEU A 11 -2.65 2.02 1.43
N LEU A 12 -1.94 1.06 0.90
CA LEU A 12 -0.54 0.85 1.33
C LEU A 12 0.41 1.44 0.30
N GLU A 13 -0.07 1.69 -0.89
CA GLU A 13 0.81 2.28 -1.93
C GLU A 13 1.57 3.47 -1.32
N GLU A 14 0.97 4.09 -0.35
CA GLU A 14 1.65 5.25 0.31
C GLU A 14 2.60 4.72 1.39
N LEU A 15 2.31 3.56 1.93
CA LEU A 15 3.20 2.97 2.96
C LEU A 15 4.41 2.33 2.28
N LYS A 16 4.23 1.89 1.06
CA LYS A 16 5.35 1.26 0.32
C LYS A 16 6.49 2.28 0.15
N SER A 17 6.15 3.50 -0.20
CA SER A 17 7.20 4.53 -0.38
C SER A 17 7.98 4.67 0.93
N GLU A 18 7.29 4.65 2.04
CA GLU A 18 7.98 4.74 3.34
C GLU A 18 8.89 3.52 3.49
N ALA A 19 8.33 2.36 3.32
CA ALA A 19 9.17 1.14 3.41
C ALA A 19 10.30 1.27 2.39
N VAL A 20 9.97 1.64 1.17
CA VAL A 20 11.04 1.83 0.15
C VAL A 20 11.97 2.95 0.62
N ARG A 21 11.41 3.88 1.36
CA ARG A 21 12.22 5.01 1.88
C ARG A 21 13.08 4.53 3.04
N HIS A 22 12.62 3.51 3.73
CA HIS A 22 13.39 2.98 4.88
C HIS A 22 13.41 1.45 4.86
C ACE A 1 -14.04 -11.16 -0.12
O ACE A 1 -13.31 -10.91 0.83
CH3 ACE A 1 -15.42 -11.79 0.10
H1 ACE A 1 -15.34 -12.86 0.02
H2 ACE A 1 -16.09 -11.43 -0.66
H3 ACE A 1 -15.79 -11.52 1.08
N GLU A 2 -13.67 -10.92 -1.34
CA GLU A 2 -12.34 -10.32 -1.61
C GLU A 2 -12.50 -9.01 -2.39
N PRO A 3 -13.38 -8.17 -1.90
CA PRO A 3 -13.65 -6.87 -2.55
C PRO A 3 -12.47 -5.91 -2.33
N TYR A 4 -11.59 -6.23 -1.44
CA TYR A 4 -10.42 -5.33 -1.17
C TYR A 4 -9.26 -5.65 -2.10
N ASN A 5 -9.43 -6.64 -2.95
CA ASN A 5 -8.35 -7.06 -3.90
C ASN A 5 -7.34 -5.93 -4.15
N GLU A 6 -7.81 -4.78 -4.54
CA GLU A 6 -6.87 -3.65 -4.80
C GLU A 6 -7.08 -2.54 -3.77
N TRP A 7 -8.12 -2.61 -2.99
CA TRP A 7 -8.38 -1.55 -1.97
C TRP A 7 -7.21 -1.50 -0.99
N THR A 8 -6.86 -2.61 -0.41
CA THR A 8 -5.74 -2.62 0.57
C THR A 8 -4.41 -2.45 -0.16
N LEU A 9 -4.28 -3.04 -1.31
CA LEU A 9 -3.01 -2.91 -2.08
C LEU A 9 -2.64 -1.43 -2.22
N GLU A 10 -3.62 -0.59 -2.47
CA GLU A 10 -3.34 0.86 -2.61
C GLU A 10 -3.22 1.49 -1.21
N LEU A 11 -3.71 0.80 -0.22
CA LEU A 11 -3.63 1.33 1.17
C LEU A 11 -2.17 1.34 1.65
N LEU A 12 -1.41 0.35 1.26
CA LEU A 12 0.02 0.31 1.69
C LEU A 12 0.89 1.08 0.70
N GLU A 13 0.37 1.43 -0.44
CA GLU A 13 1.19 2.19 -1.42
C GLU A 13 1.82 3.40 -0.73
N GLU A 14 1.17 3.88 0.30
CA GLU A 14 1.74 5.04 1.04
C GLU A 14 2.78 4.51 2.03
N LEU A 15 2.67 3.26 2.40
CA LEU A 15 3.64 2.66 3.34
C LEU A 15 4.92 2.31 2.59
N LYS A 16 4.79 1.94 1.34
CA LYS A 16 6.00 1.58 0.54
C LYS A 16 6.92 2.80 0.43
N SER A 17 6.36 3.96 0.21
CA SER A 17 7.21 5.17 0.10
C SER A 17 8.10 5.27 1.32
N GLU A 18 7.57 4.96 2.48
CA GLU A 18 8.41 5.00 3.70
C GLU A 18 9.55 4.00 3.53
N ALA A 19 9.23 2.78 3.19
CA ALA A 19 10.32 1.79 2.98
C ALA A 19 11.25 2.33 1.91
N VAL A 20 10.70 2.82 0.82
CA VAL A 20 11.57 3.40 -0.24
C VAL A 20 12.28 4.62 0.33
N ARG A 21 11.67 5.24 1.31
CA ARG A 21 12.29 6.43 1.95
C ARG A 21 13.37 5.98 2.93
N HIS A 22 13.19 4.81 3.50
CA HIS A 22 14.19 4.29 4.48
C HIS A 22 14.54 2.84 4.17
#